data_7D1G
#
_entry.id   7D1G
#
_cell.length_a   120.640
_cell.length_b   120.640
_cell.length_c   122.135
_cell.angle_alpha   90.000
_cell.angle_beta   90.000
_cell.angle_gamma   120.000
#
_symmetry.space_group_name_H-M   'P 62 2 2'
#
loop_
_entity.id
_entity.type
_entity.pdbx_description
1 polymer 'Glyceraldehyde-3-phosphate dehydrogenase'
2 non-polymer BETA-MERCAPTOETHANOL
3 non-polymer 'MAGNESIUM ION'
4 water water
#
_entity_poly.entity_id   1
_entity_poly.type   'polypeptide(L)'
_entity_poly.pdbx_seq_one_letter_code
;(MSE)VNVAINGFGRIGRLALRL(MSE)INNPEFNVVAINDLTDAK(MSE)LAHLFKYDSAQGRFDGEIEVKEGAFVVNG
KEIKVTADAKPENLPWGELNVDIVLECTGFFASKKSASAHIAAGAKKVVISAPAGNDLPTVVYNVNHDILKAEDTVISGA
SCTTNCLAP(MSE)AKVLSDDFGLTKGF(MSE)TTIHSYTNDQNTLDAPHRKGDLRRARAAAASIIPNSTGAAKAIGLVI
PELAGKLDGGAQRVPTITGSLTELVCTLSKKVTVDEVNAA(MSE)KAAATESFGYTEDEIVSCDIIGSSFGSLFDGTQTK
V(MSE)EVNGEQLVKVAAWYDNE(MSE)SYTNQLIRTLGYFANLK
;
_entity_poly.pdbx_strand_id   A
#
loop_
_chem_comp.id
_chem_comp.type
_chem_comp.name
_chem_comp.formula
BME non-polymer BETA-MERCAPTOETHANOL 'C2 H6 O S'
MG non-polymer 'MAGNESIUM ION' 'Mg 2'
#
# COMPACT_ATOMS: atom_id res chain seq x y z
N MSE A 1 10.28 21.89 2.78
CA MSE A 1 10.91 20.57 2.66
C MSE A 1 10.69 19.73 3.92
O MSE A 1 11.01 20.17 5.03
CB MSE A 1 12.39 20.73 2.37
CG MSE A 1 13.09 19.43 1.97
SE MSE A 1 15.00 19.66 1.54
CE MSE A 1 15.66 20.07 3.33
N VAL A 2 10.17 18.52 3.74
CA VAL A 2 9.82 17.64 4.84
C VAL A 2 10.98 16.70 5.15
N ASN A 3 11.38 16.66 6.42
CA ASN A 3 12.42 15.73 6.87
C ASN A 3 11.80 14.39 7.23
N VAL A 4 12.23 13.32 6.54
CA VAL A 4 11.63 12.00 6.63
C VAL A 4 12.66 11.02 7.19
N ALA A 5 12.20 10.14 8.09
CA ALA A 5 12.94 8.96 8.51
C ALA A 5 12.17 7.71 8.12
N ILE A 6 12.90 6.69 7.66
CA ILE A 6 12.31 5.41 7.25
C ILE A 6 12.69 4.36 8.28
N ASN A 7 11.70 3.78 8.96
CA ASN A 7 11.95 2.68 9.88
C ASN A 7 11.60 1.37 9.18
N GLY A 8 12.63 0.58 8.86
CA GLY A 8 12.47 -0.67 8.14
C GLY A 8 12.77 -0.50 6.66
N PHE A 9 13.87 -1.06 6.20
CA PHE A 9 14.31 -0.97 4.80
C PHE A 9 13.99 -2.25 4.04
N GLY A 10 12.75 -2.75 4.21
CA GLY A 10 12.25 -3.84 3.41
C GLY A 10 11.76 -3.37 2.06
N ARG A 11 10.86 -4.15 1.45
CA ARG A 11 10.44 -3.83 0.09
C ARG A 11 9.76 -2.47 0.03
N ILE A 12 8.89 -2.17 1.00
CA ILE A 12 8.23 -0.87 1.01
C ILE A 12 9.25 0.24 1.28
N GLY A 13 10.09 0.07 2.30
CA GLY A 13 11.03 1.12 2.67
C GLY A 13 11.99 1.46 1.54
N ARG A 14 12.47 0.44 0.81
CA ARG A 14 13.39 0.69 -0.29
C ARG A 14 12.69 1.41 -1.44
N LEU A 15 11.47 0.99 -1.80
CA LEU A 15 10.76 1.69 -2.85
C LEU A 15 10.38 3.10 -2.44
N ALA A 16 10.08 3.31 -1.15
CA ALA A 16 9.81 4.65 -0.66
C ALA A 16 10.99 5.57 -0.91
N LEU A 17 12.21 5.08 -0.64
CA LEU A 17 13.38 5.90 -0.93
C LEU A 17 13.53 6.14 -2.44
N ARG A 18 13.31 5.12 -3.27
CA ARG A 18 13.35 5.37 -4.72
C ARG A 18 12.42 6.50 -5.12
N LEU A 19 11.24 6.57 -4.51
CA LEU A 19 10.27 7.58 -4.91
C LEU A 19 10.61 8.98 -4.39
N MSE A 20 11.30 9.05 -3.25
CA MSE A 20 11.56 10.33 -2.58
C MSE A 20 12.92 10.95 -2.94
O MSE A 20 13.09 12.15 -2.85
CB MSE A 20 11.48 10.13 -1.07
CG MSE A 20 10.07 9.85 -0.57
SE MSE A 20 9.88 10.11 1.36
CE MSE A 20 10.64 8.39 1.90
N ILE A 21 13.88 10.11 -3.35
CA ILE A 21 15.28 10.55 -3.38
C ILE A 21 15.51 11.73 -4.32
N ASN A 22 14.81 11.81 -5.44
CA ASN A 22 14.98 12.93 -6.37
C ASN A 22 13.87 13.97 -6.26
N ASN A 23 13.06 13.91 -5.20
CA ASN A 23 12.01 14.87 -4.98
C ASN A 23 12.52 15.93 -4.01
N PRO A 24 12.78 17.16 -4.44
CA PRO A 24 13.35 18.16 -3.53
C PRO A 24 12.46 18.52 -2.36
N GLU A 25 11.16 18.21 -2.44
CA GLU A 25 10.25 18.44 -1.32
C GLU A 25 10.50 17.51 -0.14
N PHE A 26 11.30 16.46 -0.31
CA PHE A 26 11.62 15.54 0.76
C PHE A 26 13.10 15.56 1.08
N ASN A 27 13.42 15.41 2.36
CA ASN A 27 14.79 15.27 2.85
C ASN A 27 14.82 14.01 3.69
N VAL A 28 15.24 12.89 3.09
CA VAL A 28 15.32 11.65 3.84
C VAL A 28 16.59 11.71 4.68
N VAL A 29 16.42 11.81 5.99
CA VAL A 29 17.55 12.04 6.88
C VAL A 29 18.09 10.75 7.52
N ALA A 30 17.28 9.68 7.57
CA ALA A 30 17.71 8.49 8.29
C ALA A 30 16.95 7.27 7.82
N ILE A 31 17.64 6.14 7.84
CA ILE A 31 17.06 4.81 7.64
C ILE A 31 17.46 3.97 8.83
N ASN A 32 16.48 3.34 9.49
CA ASN A 32 16.75 2.43 10.60
C ASN A 32 16.38 1.02 10.19
N ASP A 33 17.33 0.10 10.35
CA ASP A 33 17.14 -1.30 9.99
C ASP A 33 18.22 -2.11 10.66
N LEU A 34 17.85 -3.30 11.16
CA LEU A 34 18.79 -4.15 11.88
C LEU A 34 19.75 -4.90 10.97
N THR A 35 19.47 -4.95 9.67
CA THR A 35 20.31 -5.69 8.73
C THR A 35 21.59 -4.94 8.41
N ASP A 36 22.67 -5.70 8.21
CA ASP A 36 23.95 -5.19 7.72
C ASP A 36 23.76 -4.24 6.55
N ALA A 37 24.48 -3.10 6.59
CA ALA A 37 24.26 -2.05 5.60
C ALA A 37 24.68 -2.49 4.20
N LYS A 38 25.69 -3.35 4.09
CA LYS A 38 26.11 -3.79 2.77
C LYS A 38 25.02 -4.59 2.08
N MSE A 39 24.34 -5.46 2.83
CA MSE A 39 23.23 -6.24 2.29
C MSE A 39 22.09 -5.31 1.87
O MSE A 39 21.53 -5.45 0.77
CB MSE A 39 22.76 -7.27 3.30
CG MSE A 39 21.39 -7.89 3.00
SE MSE A 39 21.48 -9.18 1.53
CE MSE A 39 22.55 -10.54 2.38
N LEU A 40 21.78 -4.34 2.74
CA LEU A 40 20.70 -3.39 2.43
C LEU A 40 20.99 -2.60 1.16
N ALA A 41 22.24 -2.14 0.99
CA ALA A 41 22.55 -1.35 -0.20
C ALA A 41 22.46 -2.19 -1.45
N HIS A 42 22.86 -3.45 -1.36
CA HIS A 42 22.78 -4.37 -2.51
C HIS A 42 21.33 -4.60 -2.90
N LEU A 43 20.45 -4.82 -1.91
CA LEU A 43 19.02 -4.96 -2.18
C LEU A 43 18.41 -3.68 -2.72
N PHE A 44 18.93 -2.52 -2.33
CA PHE A 44 18.43 -1.27 -2.91
C PHE A 44 18.85 -1.13 -4.38
N LYS A 45 20.07 -1.54 -4.70
CA LYS A 45 20.64 -1.34 -6.02
C LYS A 45 20.00 -2.25 -7.06
N TYR A 46 19.71 -3.49 -6.68
CA TYR A 46 19.22 -4.51 -7.59
C TYR A 46 17.88 -5.04 -7.07
N ASP A 47 16.88 -5.09 -7.94
CA ASP A 47 15.53 -5.47 -7.51
C ASP A 47 14.92 -6.39 -8.55
N SER A 48 14.57 -7.62 -8.13
CA SER A 48 14.08 -8.61 -9.08
C SER A 48 12.73 -8.25 -9.66
N ALA A 49 11.94 -7.44 -8.96
CA ALA A 49 10.62 -7.05 -9.45
C ALA A 49 10.63 -5.69 -10.12
N GLN A 50 11.31 -4.72 -9.53
CA GLN A 50 11.22 -3.34 -9.98
C GLN A 50 12.39 -2.90 -10.84
N GLY A 51 13.39 -3.75 -11.04
CA GLY A 51 14.52 -3.38 -11.86
C GLY A 51 15.59 -2.63 -11.07
N ARG A 52 16.69 -2.35 -11.76
CA ARG A 52 17.83 -1.70 -11.13
C ARG A 52 17.49 -0.27 -10.71
N PHE A 53 18.10 0.14 -9.60
CA PHE A 53 18.01 1.54 -9.18
C PHE A 53 18.68 2.43 -10.22
N ASP A 54 17.97 3.47 -10.63
CA ASP A 54 18.45 4.32 -11.73
C ASP A 54 19.73 5.08 -11.39
N GLY A 55 19.99 5.33 -10.11
CA GLY A 55 21.11 6.19 -9.75
C GLY A 55 22.28 5.47 -9.10
N GLU A 56 22.87 6.10 -8.08
CA GLU A 56 24.07 5.62 -7.42
C GLU A 56 23.85 5.53 -5.92
N ILE A 57 24.41 4.49 -5.30
CA ILE A 57 24.42 4.37 -3.85
C ILE A 57 25.80 3.93 -3.40
N GLU A 58 26.38 4.66 -2.45
CA GLU A 58 27.64 4.33 -1.81
C GLU A 58 27.40 4.01 -0.34
N VAL A 59 28.13 3.03 0.19
CA VAL A 59 28.04 2.66 1.59
C VAL A 59 29.19 3.31 2.35
N LYS A 60 28.86 4.04 3.40
CA LYS A 60 29.84 4.64 4.31
C LYS A 60 29.62 4.06 5.69
N GLU A 61 30.52 4.37 6.63
CA GLU A 61 30.29 3.94 8.00
C GLU A 61 29.08 4.67 8.54
N GLY A 62 28.03 3.91 8.86
CA GLY A 62 26.83 4.48 9.43
C GLY A 62 26.00 5.35 8.51
N ALA A 63 26.16 5.22 7.18
CA ALA A 63 25.40 6.07 6.27
C ALA A 63 25.42 5.50 4.87
N PHE A 64 24.45 5.93 4.07
CA PHE A 64 24.47 5.80 2.62
C PHE A 64 24.65 7.18 2.01
N VAL A 65 25.26 7.24 0.83
CA VAL A 65 25.16 8.41 -0.02
C VAL A 65 24.43 7.97 -1.27
N VAL A 66 23.20 8.45 -1.44
CA VAL A 66 22.33 8.05 -2.54
C VAL A 66 22.08 9.26 -3.43
N ASN A 67 22.47 9.16 -4.69
CA ASN A 67 22.36 10.29 -5.64
C ASN A 67 22.90 11.57 -5.02
N GLY A 68 24.01 11.44 -4.31
CA GLY A 68 24.69 12.61 -3.76
C GLY A 68 24.11 13.15 -2.47
N LYS A 69 23.13 12.45 -1.87
CA LYS A 69 22.49 12.85 -0.62
C LYS A 69 22.89 11.87 0.46
N GLU A 70 23.41 12.37 1.59
CA GLU A 70 23.84 11.51 2.67
C GLU A 70 22.67 11.21 3.59
N ILE A 71 22.49 9.92 3.91
CA ILE A 71 21.39 9.44 4.73
C ILE A 71 21.99 8.60 5.85
N LYS A 72 21.69 8.97 7.09
CA LYS A 72 22.21 8.21 8.22
C LYS A 72 21.53 6.85 8.28
N VAL A 73 22.30 5.82 8.60
CA VAL A 73 21.77 4.46 8.72
C VAL A 73 22.01 3.99 10.15
N THR A 74 20.92 3.73 10.87
CA THR A 74 20.92 3.29 12.26
C THR A 74 20.41 1.85 12.34
N ALA A 75 20.62 1.22 13.49
CA ALA A 75 20.24 -0.19 13.66
C ALA A 75 19.80 -0.41 15.11
N ASP A 76 18.75 0.28 15.52
CA ASP A 76 18.22 0.20 16.88
C ASP A 76 16.83 -0.44 16.84
N ALA A 77 16.66 -1.53 17.59
CA ALA A 77 15.40 -2.27 17.57
C ALA A 77 14.25 -1.51 18.24
N LYS A 78 14.56 -0.54 19.11
CA LYS A 78 13.52 0.16 19.85
C LYS A 78 13.37 1.58 19.35
N PRO A 79 12.21 1.95 18.81
CA PRO A 79 12.05 3.28 18.20
C PRO A 79 12.30 4.44 19.16
N GLU A 80 12.02 4.27 20.45
CA GLU A 80 12.20 5.39 21.37
C GLU A 80 13.67 5.74 21.58
N ASN A 81 14.60 4.89 21.17
CA ASN A 81 16.02 5.18 21.23
C ASN A 81 16.56 5.78 19.94
N LEU A 82 15.69 6.10 18.98
CA LEU A 82 16.16 6.60 17.70
C LEU A 82 16.32 8.12 17.75
N PRO A 83 17.34 8.69 17.09
CA PRO A 83 17.67 10.11 17.24
C PRO A 83 16.82 11.05 16.39
N TRP A 84 15.49 10.92 16.51
CA TRP A 84 14.61 11.67 15.64
C TRP A 84 14.56 13.14 16.00
N GLY A 85 14.54 13.47 17.30
CA GLY A 85 14.59 14.86 17.68
C GLY A 85 15.87 15.55 17.21
N GLU A 86 17.00 14.87 17.38
CA GLU A 86 18.29 15.44 16.96
C GLU A 86 18.36 15.64 15.47
N LEU A 87 17.66 14.82 14.69
CA LEU A 87 17.65 14.96 13.24
C LEU A 87 16.50 15.81 12.73
N ASN A 88 15.68 16.37 13.62
CA ASN A 88 14.57 17.25 13.23
C ASN A 88 13.58 16.52 12.32
N VAL A 89 13.28 15.26 12.67
CA VAL A 89 12.42 14.44 11.83
C VAL A 89 11.00 14.97 11.89
N ASP A 90 10.45 15.32 10.73
CA ASP A 90 9.06 15.76 10.66
C ASP A 90 8.10 14.57 10.65
N ILE A 91 8.46 13.47 9.99
CA ILE A 91 7.53 12.37 9.83
C ILE A 91 8.32 11.09 9.61
N VAL A 92 7.84 10.00 10.22
CA VAL A 92 8.45 8.68 10.10
C VAL A 92 7.54 7.81 9.22
N LEU A 93 8.14 7.09 8.27
CA LEU A 93 7.44 6.02 7.57
C LEU A 93 7.77 4.73 8.30
N GLU A 94 6.79 4.18 9.00
CA GLU A 94 6.99 3.00 9.83
C GLU A 94 6.67 1.76 8.99
N CYS A 95 7.72 1.08 8.50
CA CYS A 95 7.58 -0.05 7.58
C CYS A 95 8.21 -1.33 8.11
N THR A 96 8.40 -1.49 9.42
CA THR A 96 8.99 -2.73 9.89
C THR A 96 7.96 -3.86 10.02
N GLY A 97 6.67 -3.52 10.17
CA GLY A 97 5.66 -4.49 10.49
C GLY A 97 5.54 -4.83 11.95
N PHE A 98 6.45 -4.33 12.81
CA PHE A 98 6.49 -4.68 14.22
C PHE A 98 5.82 -3.67 15.12
N PHE A 99 5.33 -2.55 14.59
CA PHE A 99 4.74 -1.50 15.40
C PHE A 99 3.41 -1.03 14.79
N ALA A 100 2.60 -1.99 14.34
CA ALA A 100 1.35 -1.68 13.64
C ALA A 100 0.21 -1.42 14.62
N SER A 101 0.41 -0.40 15.46
CA SER A 101 -0.63 0.11 16.34
C SER A 101 -0.26 1.53 16.72
N LYS A 102 -1.28 2.32 17.07
CA LYS A 102 -1.02 3.70 17.45
C LYS A 102 -0.10 3.78 18.66
N LYS A 103 -0.33 2.91 19.65
CA LYS A 103 0.47 2.95 20.88
C LYS A 103 1.92 2.59 20.60
N SER A 104 2.16 1.47 19.91
CA SER A 104 3.52 1.02 19.68
C SER A 104 4.30 1.99 18.79
N ALA A 105 3.66 2.50 17.73
CA ALA A 105 4.35 3.40 16.82
C ALA A 105 4.54 4.80 17.40
N SER A 106 3.79 5.14 18.46
CA SER A 106 3.98 6.45 19.09
C SER A 106 5.36 6.56 19.74
N ALA A 107 6.10 5.46 19.88
CA ALA A 107 7.48 5.54 20.35
C ALA A 107 8.33 6.44 19.47
N HIS A 108 8.04 6.48 18.16
CA HIS A 108 8.75 7.42 17.28
C HIS A 108 8.52 8.85 17.72
N ILE A 109 7.32 9.17 18.22
CA ILE A 109 7.01 10.51 18.68
C ILE A 109 7.78 10.82 19.96
N ALA A 110 7.91 9.84 20.84
CA ALA A 110 8.72 10.02 22.04
C ALA A 110 10.17 10.30 21.69
N ALA A 111 10.66 9.71 20.61
CA ALA A 111 12.03 9.90 20.16
C ALA A 111 12.26 11.26 19.51
N GLY A 112 11.21 12.03 19.27
CA GLY A 112 11.35 13.37 18.71
C GLY A 112 10.71 13.57 17.36
N ALA A 113 10.19 12.54 16.70
CA ALA A 113 9.48 12.74 15.46
C ALA A 113 8.12 13.39 15.73
N LYS A 114 7.65 14.18 14.77
CA LYS A 114 6.39 14.89 14.93
C LYS A 114 5.19 14.05 14.50
N LYS A 115 5.33 13.23 13.47
CA LYS A 115 4.23 12.43 12.94
C LYS A 115 4.75 11.07 12.48
N VAL A 116 3.83 10.11 12.30
CA VAL A 116 4.17 8.77 11.85
C VAL A 116 3.10 8.30 10.87
N VAL A 117 3.52 7.64 9.79
CA VAL A 117 2.61 6.90 8.91
C VAL A 117 3.01 5.43 8.95
N ILE A 118 2.08 4.57 9.36
CA ILE A 118 2.32 3.13 9.41
C ILE A 118 1.92 2.53 8.08
N SER A 119 2.84 1.77 7.47
CA SER A 119 2.59 1.14 6.16
C SER A 119 1.84 -0.17 6.29
N ALA A 120 0.73 -0.18 7.03
CA ALA A 120 -0.03 -1.39 7.27
C ALA A 120 -1.32 -1.00 7.98
N PRO A 121 -2.34 -1.86 7.91
CA PRO A 121 -3.47 -1.72 8.84
C PRO A 121 -2.94 -1.69 10.27
N ALA A 122 -3.54 -0.84 11.10
CA ALA A 122 -2.96 -0.63 12.43
C ALA A 122 -4.05 -0.42 13.48
N GLY A 123 -5.22 -1.00 13.28
CA GLY A 123 -6.30 -0.90 14.25
C GLY A 123 -7.35 0.12 13.85
N ASN A 124 -8.27 0.37 14.78
CA ASN A 124 -9.39 1.26 14.52
C ASN A 124 -9.41 2.48 15.43
N ASP A 125 -8.35 2.72 16.20
CA ASP A 125 -8.28 3.87 17.10
C ASP A 125 -7.41 4.99 16.54
N LEU A 126 -7.17 5.01 15.23
CA LEU A 126 -6.34 6.02 14.60
C LEU A 126 -6.84 6.25 13.19
N PRO A 127 -6.51 7.39 12.58
CA PRO A 127 -6.94 7.61 11.19
C PRO A 127 -6.29 6.60 10.25
N THR A 128 -7.11 6.08 9.33
CA THR A 128 -6.67 5.14 8.31
C THR A 128 -7.01 5.75 6.97
N VAL A 129 -5.99 5.98 6.13
CA VAL A 129 -6.12 6.90 5.01
C VAL A 129 -5.70 6.23 3.70
N VAL A 130 -6.59 6.29 2.71
CA VAL A 130 -6.26 6.02 1.31
C VAL A 130 -6.22 7.37 0.61
N TYR A 131 -5.04 7.77 0.14
CA TYR A 131 -4.93 9.08 -0.49
C TYR A 131 -5.88 9.20 -1.68
N ASN A 132 -6.57 10.35 -1.75
CA ASN A 132 -7.57 10.69 -2.76
C ASN A 132 -8.87 9.89 -2.59
N VAL A 133 -9.04 9.19 -1.49
CA VAL A 133 -10.36 8.77 -1.02
C VAL A 133 -10.76 9.50 0.25
N ASN A 134 -9.90 9.49 1.29
CA ASN A 134 -10.28 10.10 2.55
C ASN A 134 -9.13 10.81 3.26
N HIS A 135 -8.13 11.33 2.52
CA HIS A 135 -7.10 12.04 3.27
C HIS A 135 -7.60 13.35 3.86
N ASP A 136 -8.76 13.84 3.43
CA ASP A 136 -9.34 15.04 4.04
C ASP A 136 -9.74 14.84 5.50
N ILE A 137 -9.74 13.61 6.02
CA ILE A 137 -10.03 13.43 7.44
C ILE A 137 -8.86 13.82 8.33
N LEU A 138 -7.66 13.97 7.77
CA LEU A 138 -6.49 14.23 8.60
C LEU A 138 -6.53 15.63 9.19
N LYS A 139 -6.05 15.75 10.43
CA LYS A 139 -5.92 17.02 11.12
C LYS A 139 -4.46 17.26 11.49
N ALA A 140 -4.09 18.54 11.63
CA ALA A 140 -2.73 18.87 12.01
C ALA A 140 -2.36 18.31 13.38
N GLU A 141 -3.36 18.12 14.25
CA GLU A 141 -3.12 17.59 15.58
C GLU A 141 -2.97 16.07 15.61
N ASP A 142 -3.29 15.38 14.51
CA ASP A 142 -3.05 13.95 14.45
C ASP A 142 -1.56 13.66 14.54
N THR A 143 -1.22 12.51 15.14
CA THR A 143 0.17 12.13 15.32
C THR A 143 0.51 10.87 14.53
N VAL A 144 -0.09 9.73 14.86
CA VAL A 144 0.19 8.45 14.21
C VAL A 144 -1.03 8.06 13.40
N ILE A 145 -0.82 7.70 12.12
CA ILE A 145 -1.90 7.26 11.25
C ILE A 145 -1.49 5.98 10.54
N SER A 146 -2.47 5.37 9.86
CA SER A 146 -2.24 4.19 9.04
C SER A 146 -2.48 4.54 7.58
N GLY A 147 -1.64 4.01 6.69
CA GLY A 147 -1.86 4.18 5.27
C GLY A 147 -2.68 3.05 4.68
N ALA A 148 -3.39 2.31 5.55
CA ALA A 148 -4.20 1.16 5.13
C ALA A 148 -3.31 0.08 4.51
N SER A 149 -3.90 -0.78 3.70
CA SER A 149 -3.18 -1.88 3.08
C SER A 149 -3.04 -1.65 1.58
N CYS A 150 -2.13 -2.41 0.97
CA CYS A 150 -1.98 -2.34 -0.48
C CYS A 150 -3.30 -2.66 -1.17
N THR A 151 -4.01 -3.68 -0.71
CA THR A 151 -5.26 -4.05 -1.34
C THR A 151 -6.34 -2.99 -1.11
N THR A 152 -6.39 -2.42 0.10
CA THR A 152 -7.33 -1.34 0.37
C THR A 152 -7.11 -0.16 -0.57
N ASN A 153 -5.86 0.14 -0.90
CA ASN A 153 -5.59 1.28 -1.77
C ASN A 153 -6.01 1.01 -3.21
N CYS A 154 -6.11 -0.26 -3.61
CA CYS A 154 -6.69 -0.61 -4.90
C CYS A 154 -8.21 -0.56 -4.84
N LEU A 155 -8.79 -1.17 -3.79
CA LEU A 155 -10.23 -1.38 -3.72
C LEU A 155 -10.98 -0.07 -3.47
N ALA A 156 -10.44 0.78 -2.59
CA ALA A 156 -11.24 1.87 -2.03
C ALA A 156 -11.73 2.87 -3.07
N PRO A 157 -10.93 3.37 -4.01
CA PRO A 157 -11.51 4.34 -4.96
C PRO A 157 -12.59 3.73 -5.85
N MSE A 158 -12.49 2.44 -6.15
CA MSE A 158 -13.46 1.85 -7.04
C MSE A 158 -14.75 1.57 -6.23
O MSE A 158 -15.87 1.84 -6.71
CB MSE A 158 -12.81 0.62 -7.72
CG MSE A 158 -13.69 -0.33 -8.51
SE MSE A 158 -12.71 -1.98 -8.95
CE MSE A 158 -11.97 -1.78 -10.49
N ALA A 159 -14.61 1.11 -4.97
CA ALA A 159 -15.79 0.93 -4.12
C ALA A 159 -16.46 2.26 -3.79
N LYS A 160 -15.67 3.34 -3.66
CA LYS A 160 -16.25 4.66 -3.38
C LYS A 160 -17.17 5.11 -4.52
N VAL A 161 -16.76 4.88 -5.77
CA VAL A 161 -17.63 5.23 -6.90
C VAL A 161 -18.90 4.40 -6.87
N LEU A 162 -18.78 3.09 -6.63
CA LEU A 162 -19.97 2.25 -6.62
C LEU A 162 -20.93 2.67 -5.51
N SER A 163 -20.38 3.05 -4.35
CA SER A 163 -21.21 3.53 -3.24
C SER A 163 -21.84 4.89 -3.56
N ASP A 164 -21.03 5.86 -4.01
CA ASP A 164 -21.55 7.22 -4.24
C ASP A 164 -22.56 7.25 -5.38
N ASP A 165 -22.22 6.64 -6.52
CA ASP A 165 -23.05 6.80 -7.71
C ASP A 165 -24.20 5.82 -7.77
N PHE A 166 -24.02 4.63 -7.18
CA PHE A 166 -24.97 3.55 -7.40
C PHE A 166 -25.47 2.88 -6.14
N GLY A 167 -25.01 3.31 -4.97
CA GLY A 167 -25.55 2.77 -3.71
C GLY A 167 -25.28 1.30 -3.49
N LEU A 168 -23.99 0.95 -3.55
CA LEU A 168 -23.55 -0.42 -3.30
C LEU A 168 -24.08 -0.94 -1.97
N THR A 169 -24.73 -2.11 -2.00
CA THR A 169 -25.28 -2.69 -0.77
C THR A 169 -24.42 -3.80 -0.18
N LYS A 170 -23.75 -4.59 -1.00
CA LYS A 170 -22.87 -5.64 -0.48
C LYS A 170 -22.00 -6.16 -1.63
N GLY A 171 -20.87 -6.74 -1.27
CA GLY A 171 -20.00 -7.28 -2.30
C GLY A 171 -18.93 -8.19 -1.74
N PHE A 172 -18.45 -9.09 -2.62
CA PHE A 172 -17.34 -10.00 -2.35
C PHE A 172 -16.16 -9.64 -3.23
N MSE A 173 -14.98 -9.54 -2.63
CA MSE A 173 -13.74 -9.34 -3.39
C MSE A 173 -12.95 -10.64 -3.56
O MSE A 173 -12.91 -11.48 -2.66
CB MSE A 173 -12.79 -8.35 -2.72
CG MSE A 173 -11.62 -8.21 -3.69
SE MSE A 173 -9.92 -7.61 -3.15
CE MSE A 173 -10.71 -6.80 -1.68
N THR A 174 -12.29 -10.79 -4.72
CA THR A 174 -11.20 -11.74 -4.88
C THR A 174 -10.01 -10.96 -5.40
N THR A 175 -8.89 -10.96 -4.65
CA THR A 175 -7.65 -10.41 -5.19
C THR A 175 -6.79 -11.56 -5.67
N ILE A 176 -6.48 -11.55 -6.96
CA ILE A 176 -5.55 -12.50 -7.54
C ILE A 176 -4.20 -11.81 -7.40
N HIS A 177 -3.35 -12.35 -6.53
CA HIS A 177 -2.31 -11.58 -5.87
C HIS A 177 -0.96 -12.27 -6.06
N SER A 178 0.06 -11.48 -6.38
CA SER A 178 1.42 -12.03 -6.46
C SER A 178 1.83 -12.64 -5.11
N TYR A 179 2.72 -13.63 -5.15
CA TYR A 179 3.14 -14.23 -3.89
C TYR A 179 4.05 -13.29 -3.12
N THR A 180 4.11 -13.51 -1.81
CA THR A 180 4.84 -12.63 -0.91
C THR A 180 5.90 -13.41 -0.16
N ASN A 181 6.75 -12.66 0.53
CA ASN A 181 7.91 -13.28 1.17
C ASN A 181 7.56 -14.09 2.39
N ASP A 182 6.34 -13.94 2.94
CA ASP A 182 5.95 -14.81 4.04
C ASP A 182 5.40 -16.14 3.54
N GLN A 183 5.37 -16.38 2.24
CA GLN A 183 5.15 -17.71 1.71
C GLN A 183 6.48 -18.42 1.55
N ASN A 184 6.46 -19.74 1.69
CA ASN A 184 7.71 -20.49 1.63
C ASN A 184 8.15 -20.70 0.18
N THR A 185 9.46 -20.85 0.02
CA THR A 185 10.03 -21.12 -1.30
C THR A 185 9.76 -22.55 -1.73
N LEU A 186 10.06 -23.53 -0.86
CA LEU A 186 9.65 -24.92 -1.04
C LEU A 186 8.74 -25.30 0.13
N ASP A 187 7.99 -26.40 -0.02
CA ASP A 187 7.15 -26.88 1.08
C ASP A 187 7.97 -27.06 2.35
N ALA A 188 7.51 -26.46 3.43
CA ALA A 188 8.24 -26.49 4.69
C ALA A 188 7.35 -25.96 5.79
N PRO A 189 7.70 -26.20 7.06
CA PRO A 189 6.90 -25.64 8.15
C PRO A 189 6.77 -24.12 8.01
N HIS A 190 5.62 -23.60 8.41
CA HIS A 190 5.37 -22.16 8.36
C HIS A 190 5.34 -21.61 9.78
N ARG A 191 5.98 -20.45 9.96
CA ARG A 191 6.19 -19.89 11.29
C ARG A 191 4.86 -19.62 12.00
N LYS A 192 3.84 -19.21 11.25
CA LYS A 192 2.55 -18.89 11.86
C LYS A 192 1.55 -20.04 11.74
N GLY A 193 2.00 -21.22 11.32
CA GLY A 193 1.14 -22.39 11.25
C GLY A 193 0.19 -22.43 10.08
N ASP A 194 0.37 -21.55 9.09
CA ASP A 194 -0.53 -21.48 7.95
C ASP A 194 -0.19 -22.61 6.97
N LEU A 195 -1.12 -23.56 6.81
CA LEU A 195 -0.85 -24.72 5.97
C LEU A 195 -0.73 -24.37 4.49
N ARG A 196 -1.23 -23.21 4.08
CA ARG A 196 -1.15 -22.81 2.68
C ARG A 196 0.06 -21.92 2.39
N ARG A 197 0.40 -21.02 3.32
CA ARG A 197 1.65 -20.28 3.17
C ARG A 197 2.87 -21.16 3.41
N ALA A 198 2.67 -22.38 3.92
CA ALA A 198 3.75 -23.34 4.04
C ALA A 198 4.21 -23.87 2.70
N ARG A 199 3.39 -23.76 1.66
CA ARG A 199 3.65 -24.45 0.41
C ARG A 199 4.53 -23.61 -0.52
N ALA A 200 5.19 -24.31 -1.44
CA ALA A 200 6.04 -23.69 -2.45
C ALA A 200 5.29 -22.61 -3.22
N ALA A 201 5.73 -21.36 -3.06
CA ALA A 201 4.93 -20.22 -3.51
C ALA A 201 4.75 -20.19 -5.02
N ALA A 202 5.80 -20.53 -5.77
CA ALA A 202 5.78 -20.35 -7.21
C ALA A 202 5.19 -21.55 -7.94
N ALA A 203 4.65 -22.55 -7.22
CA ALA A 203 4.16 -23.75 -7.86
C ALA A 203 2.65 -23.80 -8.01
N SER A 204 1.89 -22.95 -7.29
CA SER A 204 0.46 -23.19 -7.17
C SER A 204 -0.35 -21.90 -7.10
N ILE A 205 -1.64 -22.05 -7.40
CA ILE A 205 -2.67 -21.15 -6.91
C ILE A 205 -2.94 -21.47 -5.44
N ILE A 206 -2.81 -20.47 -4.57
CA ILE A 206 -2.81 -20.72 -3.13
C ILE A 206 -3.82 -19.80 -2.45
N PRO A 207 -4.95 -20.31 -1.96
CA PRO A 207 -5.91 -19.42 -1.29
C PRO A 207 -5.32 -18.81 -0.02
N ASN A 208 -5.73 -17.57 0.27
CA ASN A 208 -5.26 -16.94 1.48
C ASN A 208 -6.31 -15.95 1.98
N SER A 209 -6.41 -15.81 3.30
CA SER A 209 -7.35 -14.87 3.89
C SER A 209 -6.87 -13.44 3.63
N THR A 210 -7.83 -12.52 3.67
CA THR A 210 -7.58 -11.10 3.46
C THR A 210 -8.28 -10.31 4.56
N GLY A 211 -7.94 -9.03 4.65
CA GLY A 211 -8.62 -8.16 5.59
C GLY A 211 -9.18 -6.89 4.99
N ALA A 212 -8.77 -6.56 3.76
CA ALA A 212 -9.04 -5.24 3.22
C ALA A 212 -10.53 -4.98 3.07
N ALA A 213 -11.27 -5.95 2.51
CA ALA A 213 -12.70 -5.73 2.29
C ALA A 213 -13.44 -5.62 3.62
N LYS A 214 -13.11 -6.50 4.58
CA LYS A 214 -13.81 -6.48 5.86
C LYS A 214 -13.54 -5.19 6.63
N ALA A 215 -12.38 -4.56 6.41
CA ALA A 215 -11.99 -3.37 7.14
C ALA A 215 -12.28 -2.07 6.37
N ILE A 216 -13.02 -2.14 5.26
CA ILE A 216 -13.18 -0.98 4.39
C ILE A 216 -13.85 0.18 5.10
N GLY A 217 -14.62 -0.09 6.16
CA GLY A 217 -15.37 0.96 6.83
C GLY A 217 -14.50 2.03 7.47
N LEU A 218 -13.24 1.71 7.75
CA LEU A 218 -12.34 2.72 8.31
C LEU A 218 -12.02 3.80 7.29
N VAL A 219 -12.08 3.45 6.01
CA VAL A 219 -11.80 4.40 4.93
C VAL A 219 -13.09 4.95 4.32
N ILE A 220 -14.10 4.10 4.16
CA ILE A 220 -15.39 4.51 3.61
C ILE A 220 -16.44 4.12 4.63
N PRO A 221 -16.80 5.02 5.56
CA PRO A 221 -17.64 4.60 6.70
C PRO A 221 -18.99 4.04 6.29
N GLU A 222 -19.57 4.54 5.21
CA GLU A 222 -20.87 4.03 4.78
C GLU A 222 -20.82 2.63 4.21
N LEU A 223 -19.63 2.06 4.02
CA LEU A 223 -19.49 0.68 3.56
C LEU A 223 -19.08 -0.27 4.68
N ALA A 224 -19.08 0.20 5.93
CA ALA A 224 -18.66 -0.64 7.05
C ALA A 224 -19.51 -1.91 7.10
N GLY A 225 -18.83 -3.05 7.13
CA GLY A 225 -19.50 -4.34 7.17
C GLY A 225 -20.21 -4.76 5.90
N LYS A 226 -20.05 -4.03 4.80
CA LYS A 226 -20.77 -4.36 3.57
C LYS A 226 -19.91 -5.11 2.56
N LEU A 227 -18.63 -5.31 2.84
CA LEU A 227 -17.73 -6.04 1.96
C LEU A 227 -17.06 -7.20 2.69
N ASP A 228 -16.79 -8.28 1.95
CA ASP A 228 -15.98 -9.39 2.43
C ASP A 228 -15.13 -9.85 1.25
N GLY A 229 -14.21 -10.78 1.49
CA GLY A 229 -13.48 -11.31 0.37
C GLY A 229 -12.29 -12.14 0.81
N GLY A 230 -11.42 -12.41 -0.17
CA GLY A 230 -10.27 -13.27 0.02
C GLY A 230 -9.29 -13.09 -1.11
N ALA A 231 -8.20 -13.85 -1.05
CA ALA A 231 -7.12 -13.79 -2.02
C ALA A 231 -6.84 -15.16 -2.60
N GLN A 232 -6.29 -15.14 -3.82
CA GLN A 232 -5.63 -16.31 -4.40
C GLN A 232 -4.23 -15.87 -4.76
N ARG A 233 -3.24 -16.42 -4.06
CA ARG A 233 -1.83 -16.12 -4.34
C ARG A 233 -1.36 -16.97 -5.51
N VAL A 234 -0.70 -16.35 -6.49
CA VAL A 234 -0.35 -17.04 -7.72
C VAL A 234 1.11 -16.76 -8.07
N PRO A 235 1.72 -17.55 -8.99
CA PRO A 235 3.18 -17.45 -9.22
C PRO A 235 3.62 -16.26 -10.06
N THR A 236 3.31 -15.05 -9.59
CA THR A 236 3.89 -13.82 -10.11
C THR A 236 4.62 -13.10 -8.99
N ILE A 237 5.69 -12.37 -9.35
CA ILE A 237 6.58 -11.79 -8.35
C ILE A 237 6.02 -10.50 -7.76
N THR A 238 5.26 -9.73 -8.55
CA THR A 238 4.53 -8.55 -8.09
C THR A 238 3.53 -8.21 -9.18
N GLY A 239 2.51 -7.45 -8.80
CA GLY A 239 1.40 -7.16 -9.70
C GLY A 239 0.19 -7.99 -9.35
N SER A 240 -0.95 -7.35 -9.13
CA SER A 240 -2.13 -8.05 -8.60
C SER A 240 -3.39 -7.43 -9.18
N LEU A 241 -4.51 -8.15 -9.02
CA LEU A 241 -5.79 -7.73 -9.57
C LEU A 241 -6.87 -7.90 -8.51
N THR A 242 -7.63 -6.84 -8.24
CA THR A 242 -8.76 -6.90 -7.30
C THR A 242 -10.06 -6.95 -8.10
N GLU A 243 -10.78 -8.07 -8.01
CA GLU A 243 -12.11 -8.22 -8.58
C GLU A 243 -13.14 -8.01 -7.47
N LEU A 244 -14.28 -7.40 -7.83
CA LEU A 244 -15.38 -7.20 -6.89
C LEU A 244 -16.68 -7.60 -7.58
N VAL A 245 -17.44 -8.50 -6.95
CA VAL A 245 -18.79 -8.86 -7.38
C VAL A 245 -19.76 -8.30 -6.37
N CYS A 246 -20.74 -7.51 -6.82
CA CYS A 246 -21.55 -6.79 -5.85
C CYS A 246 -22.97 -6.61 -6.37
N THR A 247 -23.83 -6.18 -5.46
CA THR A 247 -25.17 -5.68 -5.78
C THR A 247 -25.24 -4.20 -5.47
N LEU A 248 -26.00 -3.47 -6.29
CA LEU A 248 -26.16 -2.02 -6.17
C LEU A 248 -27.62 -1.67 -5.94
N SER A 249 -27.87 -0.42 -5.55
CA SER A 249 -29.22 0.08 -5.32
C SER A 249 -29.91 0.56 -6.59
N LYS A 250 -29.16 0.78 -7.66
CA LYS A 250 -29.67 1.24 -8.95
C LYS A 250 -29.31 0.24 -10.03
N LYS A 251 -30.18 0.12 -11.03
CA LYS A 251 -29.82 -0.63 -12.23
C LYS A 251 -28.80 0.16 -13.05
N VAL A 252 -27.82 -0.55 -13.60
CA VAL A 252 -26.73 0.08 -14.35
C VAL A 252 -26.47 -0.72 -15.62
N THR A 253 -25.73 -0.10 -16.54
CA THR A 253 -25.14 -0.80 -17.67
C THR A 253 -23.63 -0.79 -17.53
N VAL A 254 -22.98 -1.69 -18.29
CA VAL A 254 -21.51 -1.76 -18.29
C VAL A 254 -20.91 -0.38 -18.58
N ASP A 255 -21.43 0.29 -19.62
CA ASP A 255 -20.79 1.55 -20.03
C ASP A 255 -21.06 2.67 -19.02
N GLU A 256 -22.19 2.61 -18.30
CA GLU A 256 -22.41 3.55 -17.22
C GLU A 256 -21.42 3.35 -16.08
N VAL A 257 -21.15 2.08 -15.72
CA VAL A 257 -20.18 1.84 -14.65
C VAL A 257 -18.81 2.36 -15.07
N ASN A 258 -18.41 2.05 -16.30
CA ASN A 258 -17.11 2.47 -16.79
C ASN A 258 -17.01 3.99 -16.86
N ALA A 259 -18.08 4.66 -17.32
CA ALA A 259 -18.08 6.12 -17.35
C ALA A 259 -17.89 6.72 -15.97
N ALA A 260 -18.53 6.12 -14.95
CA ALA A 260 -18.41 6.65 -13.60
C ALA A 260 -17.00 6.49 -13.07
N MSE A 261 -16.34 5.40 -13.41
CA MSE A 261 -14.95 5.20 -12.98
C MSE A 261 -14.02 6.20 -13.65
O MSE A 261 -13.16 6.81 -12.99
CB MSE A 261 -14.49 3.76 -13.29
CG MSE A 261 -15.28 2.70 -12.50
SE MSE A 261 -15.09 2.80 -10.60
CE MSE A 261 -16.51 1.54 -10.11
N LYS A 262 -14.19 6.38 -14.96
CA LYS A 262 -13.32 7.30 -15.67
C LYS A 262 -13.49 8.72 -15.15
N ALA A 263 -14.73 9.11 -14.82
CA ALA A 263 -14.97 10.44 -14.29
C ALA A 263 -14.29 10.66 -12.94
N ALA A 264 -13.98 9.58 -12.21
CA ALA A 264 -13.35 9.67 -10.92
C ALA A 264 -11.83 9.47 -10.99
N ALA A 265 -11.26 9.47 -12.19
CA ALA A 265 -9.82 9.24 -12.33
C ALA A 265 -9.01 10.37 -11.71
N THR A 266 -7.91 9.99 -11.06
CA THR A 266 -6.99 10.90 -10.39
C THR A 266 -5.58 10.35 -10.57
N GLU A 267 -4.59 11.02 -9.95
CA GLU A 267 -3.25 10.47 -9.94
C GLU A 267 -3.17 9.18 -9.13
N SER A 268 -4.15 8.94 -8.26
CA SER A 268 -4.21 7.73 -7.44
C SER A 268 -5.03 6.62 -8.07
N PHE A 269 -5.97 6.97 -8.95
CA PHE A 269 -6.95 6.01 -9.47
C PHE A 269 -7.00 6.23 -10.97
N GLY A 270 -6.36 5.34 -11.73
CA GLY A 270 -6.35 5.47 -13.17
C GLY A 270 -7.48 4.71 -13.82
N TYR A 271 -7.67 4.98 -15.12
CA TYR A 271 -8.67 4.30 -15.93
C TYR A 271 -8.04 3.83 -17.22
N THR A 272 -8.28 2.57 -17.60
CA THR A 272 -7.82 2.08 -18.90
C THR A 272 -8.84 1.15 -19.52
N GLU A 273 -8.86 1.14 -20.86
CA GLU A 273 -9.54 0.12 -21.64
C GLU A 273 -8.55 -0.68 -22.48
N ASP A 274 -7.25 -0.53 -22.24
CA ASP A 274 -6.25 -1.38 -22.89
C ASP A 274 -6.31 -2.78 -22.29
N GLU A 275 -6.14 -3.81 -23.13
CA GLU A 275 -6.21 -5.19 -22.67
C GLU A 275 -4.84 -5.61 -22.11
N ILE A 276 -4.52 -5.04 -20.94
CA ILE A 276 -3.24 -5.28 -20.28
C ILE A 276 -3.27 -6.55 -19.44
N VAL A 277 -2.10 -6.96 -18.96
CA VAL A 277 -1.94 -8.11 -18.07
C VAL A 277 -1.09 -7.65 -16.89
N SER A 278 -0.91 -8.53 -15.89
CA SER A 278 -0.38 -8.03 -14.61
C SER A 278 1.03 -7.44 -14.74
N CYS A 279 1.88 -7.98 -15.61
CA CYS A 279 3.21 -7.39 -15.69
C CYS A 279 3.17 -5.93 -16.13
N ASP A 280 2.09 -5.51 -16.79
CA ASP A 280 1.98 -4.13 -17.28
C ASP A 280 1.71 -3.13 -16.17
N ILE A 281 1.32 -3.58 -14.98
CA ILE A 281 1.13 -2.68 -13.84
C ILE A 281 2.41 -2.51 -13.02
N ILE A 282 3.45 -3.32 -13.26
CA ILE A 282 4.63 -3.25 -12.41
C ILE A 282 5.25 -1.87 -12.50
N GLY A 283 5.50 -1.26 -11.35
CA GLY A 283 6.08 0.08 -11.28
C GLY A 283 5.08 1.21 -11.39
N SER A 284 3.79 0.93 -11.48
CA SER A 284 2.80 1.97 -11.70
C SER A 284 2.81 3.02 -10.58
N SER A 285 2.58 4.28 -10.97
CA SER A 285 2.34 5.35 -10.01
C SER A 285 0.90 5.39 -9.50
N PHE A 286 -0.04 4.69 -10.13
CA PHE A 286 -1.41 4.67 -9.63
C PHE A 286 -1.47 3.79 -8.39
N GLY A 287 -2.32 4.18 -7.43
CA GLY A 287 -2.66 3.25 -6.36
C GLY A 287 -3.57 2.13 -6.84
N SER A 288 -4.29 2.38 -7.93
CA SER A 288 -5.31 1.49 -8.47
C SER A 288 -5.52 1.88 -9.92
N LEU A 289 -5.59 0.89 -10.82
CA LEU A 289 -5.87 1.16 -12.24
C LEU A 289 -7.14 0.40 -12.64
N PHE A 290 -8.27 1.13 -12.73
CA PHE A 290 -9.52 0.49 -13.12
C PHE A 290 -9.44 -0.03 -14.56
N ASP A 291 -9.86 -1.28 -14.76
CA ASP A 291 -9.83 -1.92 -16.07
C ASP A 291 -11.24 -2.05 -16.62
N GLY A 292 -11.62 -1.13 -17.52
CA GLY A 292 -12.97 -1.16 -18.07
C GLY A 292 -13.28 -2.38 -18.93
N THR A 293 -12.25 -3.10 -19.42
CA THR A 293 -12.49 -4.30 -20.21
C THR A 293 -13.04 -5.46 -19.37
N GLN A 294 -12.97 -5.38 -18.04
CA GLN A 294 -13.40 -6.47 -17.17
C GLN A 294 -14.76 -6.24 -16.53
N THR A 295 -15.41 -5.11 -16.83
CA THR A 295 -16.72 -4.83 -16.24
C THR A 295 -17.80 -5.70 -16.85
N LYS A 296 -18.63 -6.30 -16.00
CA LYS A 296 -19.78 -7.08 -16.46
C LYS A 296 -20.99 -6.75 -15.60
N VAL A 297 -22.16 -6.76 -16.24
CA VAL A 297 -23.42 -6.60 -15.55
C VAL A 297 -24.34 -7.71 -16.04
N MSE A 298 -24.92 -8.48 -15.12
CA MSE A 298 -25.90 -9.49 -15.50
C MSE A 298 -27.21 -9.21 -14.79
O MSE A 298 -27.24 -8.56 -13.75
CB MSE A 298 -25.39 -10.89 -15.18
CG MSE A 298 -25.23 -11.11 -13.71
SE MSE A 298 -24.51 -12.88 -13.31
CE MSE A 298 -25.93 -13.93 -14.13
N GLU A 299 -28.30 -9.68 -15.37
CA GLU A 299 -29.62 -9.43 -14.81
C GLU A 299 -30.48 -10.66 -14.98
N VAL A 300 -31.12 -11.07 -13.89
CA VAL A 300 -32.03 -12.21 -13.87
C VAL A 300 -33.28 -11.78 -13.14
N ASN A 301 -34.43 -11.84 -13.81
CA ASN A 301 -35.72 -11.47 -13.24
C ASN A 301 -35.65 -10.12 -12.53
N GLY A 302 -35.08 -9.14 -13.24
CA GLY A 302 -35.07 -7.76 -12.79
C GLY A 302 -34.12 -7.43 -11.66
N GLU A 303 -33.19 -8.32 -11.32
CA GLU A 303 -32.19 -8.02 -10.30
C GLU A 303 -30.79 -8.22 -10.89
N GLN A 304 -29.91 -7.28 -10.61
CA GLN A 304 -28.59 -7.28 -11.23
C GLN A 304 -27.49 -7.71 -10.28
N LEU A 305 -26.46 -8.29 -10.87
CA LEU A 305 -25.18 -8.53 -10.22
C LEU A 305 -24.09 -7.88 -11.07
N VAL A 306 -23.13 -7.23 -10.43
CA VAL A 306 -22.13 -6.43 -11.14
C VAL A 306 -20.73 -6.94 -10.78
N LYS A 307 -19.85 -7.03 -11.77
CA LYS A 307 -18.47 -7.43 -11.56
C LYS A 307 -17.54 -6.39 -12.17
N VAL A 308 -16.54 -5.97 -11.38
CA VAL A 308 -15.55 -4.98 -11.80
C VAL A 308 -14.17 -5.43 -11.30
N ALA A 309 -13.12 -4.86 -11.89
CA ALA A 309 -11.76 -5.24 -11.53
C ALA A 309 -10.77 -4.10 -11.76
N ALA A 310 -9.80 -3.97 -10.84
CA ALA A 310 -8.73 -2.97 -10.95
C ALA A 310 -7.38 -3.61 -10.66
N TRP A 311 -6.37 -3.16 -11.40
CA TRP A 311 -5.00 -3.62 -11.23
C TRP A 311 -4.26 -2.79 -10.17
N TYR A 312 -3.28 -3.40 -9.50
CA TYR A 312 -2.38 -2.62 -8.68
C TYR A 312 -1.04 -3.33 -8.58
N ASP A 313 0.05 -2.56 -8.50
CA ASP A 313 1.32 -3.16 -8.15
C ASP A 313 1.37 -3.13 -6.63
N ASN A 314 1.09 -4.26 -6.00
CA ASN A 314 0.99 -4.31 -4.54
C ASN A 314 2.21 -3.72 -3.86
N GLU A 315 3.34 -3.64 -4.56
CA GLU A 315 4.53 -2.96 -4.06
C GLU A 315 4.47 -1.46 -4.37
N MSE A 316 4.69 -1.12 -5.64
CA MSE A 316 4.91 0.26 -6.01
C MSE A 316 3.64 1.11 -5.98
O MSE A 316 3.72 2.30 -5.65
CB MSE A 316 5.56 0.29 -7.41
CG MSE A 316 6.02 1.64 -7.87
SE MSE A 316 7.23 2.42 -6.59
CE MSE A 316 8.90 1.86 -7.42
N SER A 317 2.48 0.53 -6.32
CA SER A 317 1.23 1.29 -6.21
C SER A 317 0.99 1.73 -4.78
N TYR A 318 1.12 0.81 -3.83
CA TYR A 318 0.88 1.13 -2.44
C TYR A 318 1.89 2.16 -1.92
N THR A 319 3.16 2.01 -2.31
CA THR A 319 4.19 2.93 -1.84
C THR A 319 3.95 4.34 -2.39
N ASN A 320 3.51 4.45 -3.64
CA ASN A 320 3.14 5.77 -4.17
C ASN A 320 2.05 6.42 -3.33
N GLN A 321 1.06 5.63 -2.91
CA GLN A 321 0.00 6.16 -2.05
C GLN A 321 0.55 6.59 -0.70
N LEU A 322 1.44 5.77 -0.12
CA LEU A 322 2.06 6.12 1.16
C LEU A 322 2.78 7.47 1.08
N ILE A 323 3.49 7.72 -0.04
CA ILE A 323 4.27 8.95 -0.14
C ILE A 323 3.36 10.15 -0.33
N ARG A 324 2.28 9.99 -1.12
CA ARG A 324 1.28 11.06 -1.23
C ARG A 324 0.73 11.42 0.14
N THR A 325 0.35 10.41 0.93
CA THR A 325 -0.21 10.66 2.24
C THR A 325 0.83 11.26 3.18
N LEU A 326 2.05 10.73 3.14
CA LEU A 326 3.14 11.24 3.96
C LEU A 326 3.36 12.73 3.71
N GLY A 327 3.44 13.12 2.43
CA GLY A 327 3.68 14.51 2.10
C GLY A 327 2.53 15.40 2.52
N TYR A 328 1.29 14.96 2.28
CA TYR A 328 0.13 15.75 2.67
C TYR A 328 0.06 15.90 4.18
N PHE A 329 0.25 14.81 4.91
CA PHE A 329 0.14 14.84 6.37
C PHE A 329 1.21 15.76 6.96
N ALA A 330 2.45 15.68 6.46
CA ALA A 330 3.53 16.46 7.04
C ALA A 330 3.34 17.96 6.79
N ASN A 331 2.64 18.33 5.72
CA ASN A 331 2.45 19.73 5.37
C ASN A 331 1.16 20.31 5.91
N LEU A 332 0.41 19.54 6.70
CA LEU A 332 -0.84 20.02 7.29
C LEU A 332 -0.52 20.91 8.48
N LYS A 333 -0.89 22.18 8.38
CA LYS A 333 -0.66 23.13 9.48
C LYS A 333 -1.90 23.97 9.74
C1 BME B . 13.36 -3.36 13.03
C2 BME B . 14.09 -2.73 11.84
O1 BME B . 13.44 -2.49 14.13
S2 BME B . 14.28 -3.91 10.47
MG MG C . 8.02 -4.29 3.34
#